data_7KKH
#
_entry.id   7KKH
#
_cell.length_a   103.782
_cell.length_b   71.302
_cell.length_c   86.793
_cell.angle_alpha   90.000
_cell.angle_beta   90.657
_cell.angle_gamma   90.000
#
_symmetry.space_group_name_H-M   'C 1 2 1'
#
loop_
_entity.id
_entity.type
_entity.pdbx_description
1 polymer 'P1A4 Fab Light Chain'
2 polymer 'P1A4 Fab Heavy Chain'
3 non-polymer 'SODIUM ION'
4 non-polymer '(S)-1-{4-[6-chloro-8-fluoro-7-(2-fluoro-6-hydroxyphenyl)quinazolin-4-yl] piperazin-1-yl}propan-1-one'
5 water water
#
loop_
_entity_poly.entity_id
_entity_poly.type
_entity_poly.pdbx_seq_one_letter_code
_entity_poly.pdbx_strand_id
1 'polypeptide(L)'
;VVTQPPSVSAAPGQEVTISCSGSSSNIGNNYVSWYQHLPGTAPKLLIYDSDKRPSGIPDRFSGSKSGTSATLGVTGLQTG
DEADYYCGTWDSSLSAVMFGGGTKLTVLGQPKAAPSVTLFPPSSEELQANKATLVCLISDFYPGAVTVAWKADSSPVKAG
VETTTPSKQSNNKYAASSYLSLTPEQWKSHKSYSCQVTHEGSTVEKTVAPTEC
;
A
2 'polypeptide(L)'
;QVQLQESGGGLVQPGRSLRLSCAASGFTFSSYAMHWVRQAPGKGLEWVAVISYDGSNKYYADSVKGRFTISRDNSKNTLY
LQMNSLRAEDTAVYYCARDYDWQYFDYWGQGTLVTVSSASTKGPSVFPLAPSSKSTSGGTAALGCLVKDYFPEPVTVSWN
SGALTSGVHTFPAVLQSSGLYSLSSVVTVPSSSLGTQTYICNVNHKPSNTKVDKKVEPKSC
;
B
#
# COMPACT_ATOMS: atom_id res chain seq x y z
N VAL A 1 15.61 4.06 5.81
CA VAL A 1 16.94 3.85 6.39
C VAL A 1 16.88 2.92 7.59
N VAL A 2 15.89 3.11 8.45
CA VAL A 2 15.61 2.15 9.51
C VAL A 2 14.75 1.05 8.92
N THR A 3 15.27 -0.18 8.92
CA THR A 3 14.62 -1.30 8.25
C THR A 3 14.11 -2.30 9.27
N GLN A 4 13.02 -2.98 8.87
CA GLN A 4 12.38 -4.05 9.62
C GLN A 4 12.02 -5.16 8.65
N PRO A 5 11.89 -6.39 9.13
CA PRO A 5 11.40 -7.46 8.27
C PRO A 5 10.00 -7.14 7.77
N PRO A 6 9.68 -7.50 6.52
CA PRO A 6 8.33 -7.20 6.01
C PRO A 6 7.22 -7.88 6.79
N SER A 7 7.46 -9.10 7.30
CA SER A 7 6.40 -9.98 7.77
C SER A 7 6.95 -10.83 8.91
N VAL A 8 6.10 -11.11 9.88
CA VAL A 8 6.40 -12.07 10.94
C VAL A 8 5.07 -12.72 11.33
N SER A 9 5.12 -13.97 11.79
CA SER A 9 3.87 -14.64 12.15
C SER A 9 4.12 -15.73 13.18
N ALA A 10 3.06 -16.08 13.91
CA ALA A 10 3.05 -17.18 14.86
C ALA A 10 1.59 -17.42 15.25
N ALA A 11 1.36 -18.55 15.89
CA ALA A 11 0.01 -18.98 16.22
C ALA A 11 -0.50 -18.26 17.46
N PRO A 12 -1.82 -18.22 17.68
CA PRO A 12 -2.34 -17.63 18.93
C PRO A 12 -1.70 -18.29 20.13
N GLY A 13 -1.37 -17.47 21.13
CA GLY A 13 -0.73 -17.95 22.33
C GLY A 13 0.77 -18.09 22.23
N GLN A 14 1.35 -17.99 21.03
CA GLN A 14 2.79 -18.04 20.85
C GLN A 14 3.37 -16.62 21.01
N GLU A 15 4.62 -16.42 20.59
CA GLU A 15 5.31 -15.16 20.73
C GLU A 15 6.08 -14.85 19.47
N VAL A 16 6.33 -13.56 19.23
CA VAL A 16 7.16 -13.11 18.12
C VAL A 16 8.05 -11.99 18.63
N THR A 17 9.12 -11.73 17.89
CA THR A 17 9.84 -10.48 18.02
C THR A 17 9.93 -9.79 16.66
N ILE A 18 10.02 -8.47 16.72
CA ILE A 18 10.16 -7.62 15.55
C ILE A 18 11.31 -6.67 15.88
N SER A 19 12.31 -6.61 15.01
CA SER A 19 13.46 -5.76 15.26
C SER A 19 13.59 -4.73 14.15
N CYS A 20 14.00 -3.54 14.51
CA CYS A 20 14.37 -2.61 13.46
C CYS A 20 15.83 -2.21 13.65
N SER A 21 16.49 -2.00 12.52
CA SER A 21 17.93 -1.87 12.45
C SER A 21 18.25 -0.52 11.87
N GLY A 22 18.98 0.29 12.63
CA GLY A 22 19.28 1.63 12.20
C GLY A 22 20.77 1.88 12.17
N SER A 23 21.17 3.08 12.57
CA SER A 23 22.57 3.46 12.64
C SER A 23 22.75 4.31 13.90
N SER A 24 23.98 4.78 14.12
CA SER A 24 24.27 5.50 15.36
C SER A 24 23.56 6.86 15.41
N SER A 25 23.32 7.49 14.26
CA SER A 25 22.62 8.76 14.27
C SER A 25 21.15 8.63 14.67
N ASN A 26 20.53 7.45 14.51
CA ASN A 26 19.12 7.32 14.85
C ASN A 26 19.00 6.32 16.00
N ILE A 27 18.75 5.04 15.73
CA ILE A 27 18.49 4.08 16.82
C ILE A 27 19.62 4.09 17.84
N GLY A 28 20.86 4.25 17.39
CA GLY A 28 21.99 4.14 18.31
C GLY A 28 21.91 5.11 19.47
N ASN A 29 21.57 6.37 19.19
CA ASN A 29 21.68 7.43 20.19
C ASN A 29 20.36 8.09 20.56
N ASN A 30 19.21 7.51 20.19
CA ASN A 30 17.94 8.23 20.33
C ASN A 30 16.84 7.34 20.89
N TYR A 31 15.82 7.99 21.43
CA TYR A 31 14.63 7.29 21.90
C TYR A 31 14.02 6.46 20.78
N VAL A 32 13.63 5.23 21.11
CA VAL A 32 12.89 4.38 20.19
C VAL A 32 11.50 4.14 20.76
N SER A 33 10.47 4.34 19.95
CA SER A 33 9.10 3.99 20.34
C SER A 33 8.50 3.04 19.31
N TRP A 34 7.49 2.28 19.72
CA TRP A 34 6.83 1.32 18.83
C TRP A 34 5.34 1.62 18.73
N TYR A 35 4.77 1.43 17.53
CA TYR A 35 3.37 1.75 17.27
C TYR A 35 2.69 0.58 16.57
N GLN A 36 1.44 0.35 16.94
CA GLN A 36 0.59 -0.64 16.30
C GLN A 36 -0.36 0.09 15.37
N HIS A 37 -0.49 -0.36 14.14
CA HIS A 37 -1.29 0.37 13.17
C HIS A 37 -2.10 -0.60 12.31
N LEU A 38 -3.41 -0.46 12.37
CA LEU A 38 -4.30 -1.07 11.41
C LEU A 38 -4.74 0.02 10.45
N PRO A 39 -4.33 0.00 9.18
CA PRO A 39 -4.64 1.13 8.29
C PRO A 39 -6.14 1.43 8.24
N GLY A 40 -6.45 2.71 8.02
CA GLY A 40 -7.78 3.22 8.26
C GLY A 40 -8.09 3.53 9.71
N THR A 41 -7.28 3.07 10.67
CA THR A 41 -7.37 3.55 12.04
C THR A 41 -6.10 4.32 12.38
N ALA A 42 -6.09 4.88 13.58
CA ALA A 42 -4.96 5.69 14.04
C ALA A 42 -3.92 4.80 14.74
N PRO A 43 -2.64 5.05 14.48
CA PRO A 43 -1.58 4.29 15.18
C PRO A 43 -1.74 4.38 16.70
N LYS A 44 -1.33 3.31 17.39
CA LYS A 44 -1.43 3.19 18.83
C LYS A 44 -0.05 3.00 19.44
N LEU A 45 0.29 3.80 20.45
CA LEU A 45 1.58 3.68 21.11
C LEU A 45 1.65 2.40 21.94
N LEU A 46 2.69 1.60 21.72
CA LEU A 46 2.91 0.37 22.50
C LEU A 46 4.03 0.49 23.50
N ILE A 47 5.16 1.05 23.09
CA ILE A 47 6.41 1.07 23.85
C ILE A 47 7.04 2.42 23.60
N TYR A 48 7.50 3.10 24.65
CA TYR A 48 8.29 4.31 24.49
C TYR A 48 9.56 4.22 25.32
N ASP A 49 10.53 5.09 24.97
CA ASP A 49 11.84 5.04 25.60
C ASP A 49 12.41 3.62 25.57
N SER A 50 12.34 2.99 24.39
CA SER A 50 12.83 1.65 24.11
C SER A 50 12.20 0.52 24.91
N ASP A 51 11.80 0.74 26.18
CA ASP A 51 11.26 -0.38 26.94
C ASP A 51 10.14 -0.05 27.93
N LYS A 52 9.54 1.14 27.88
CA LYS A 52 8.50 1.51 28.82
C LYS A 52 7.11 1.27 28.21
N ARG A 53 6.17 0.76 29.03
CA ARG A 53 4.83 0.62 28.47
C ARG A 53 3.93 1.74 28.96
N PRO A 54 3.17 2.37 28.09
CA PRO A 54 2.14 3.31 28.57
C PRO A 54 1.11 2.59 29.41
N SER A 55 0.29 3.37 30.11
CA SER A 55 -0.84 2.81 30.83
C SER A 55 -1.83 2.18 29.84
N GLY A 56 -2.31 1.00 30.18
CA GLY A 56 -3.26 0.31 29.32
C GLY A 56 -2.67 -0.69 28.35
N ILE A 57 -1.34 -0.71 28.18
CA ILE A 57 -0.67 -1.68 27.33
C ILE A 57 -0.28 -2.87 28.20
N PRO A 58 -0.71 -4.09 27.88
CA PRO A 58 -0.40 -5.24 28.75
C PRO A 58 1.08 -5.59 28.74
N ASP A 59 1.49 -6.31 29.79
CA ASP A 59 2.89 -6.70 29.95
C ASP A 59 3.37 -7.71 28.90
N ARG A 60 2.49 -8.25 28.06
CA ARG A 60 2.97 -9.13 26.99
C ARG A 60 3.65 -8.38 25.86
N PHE A 61 3.56 -7.06 25.84
CA PHE A 61 4.36 -6.22 24.95
C PHE A 61 5.59 -5.72 25.71
N SER A 62 6.76 -5.93 25.13
CA SER A 62 7.99 -5.47 25.76
C SER A 62 8.94 -5.01 24.67
N GLY A 63 9.89 -4.17 25.08
CA GLY A 63 10.89 -3.66 24.15
C GLY A 63 12.28 -3.73 24.73
N SER A 64 13.25 -3.75 23.83
CA SER A 64 14.65 -3.66 24.20
C SER A 64 15.41 -2.94 23.10
N LYS A 65 16.61 -2.47 23.44
CA LYS A 65 17.49 -1.82 22.50
C LYS A 65 18.90 -2.30 22.74
N SER A 66 19.60 -2.64 21.67
CA SER A 66 20.99 -3.07 21.76
C SER A 66 21.76 -2.49 20.59
N GLY A 67 22.66 -1.55 20.88
CA GLY A 67 23.45 -0.97 19.82
C GLY A 67 22.61 -0.17 18.87
N THR A 68 22.67 -0.51 17.58
CA THR A 68 21.91 0.20 16.55
C THR A 68 20.65 -0.55 16.13
N SER A 69 20.20 -1.50 16.94
CA SER A 69 18.97 -2.23 16.67
C SER A 69 18.05 -2.15 17.87
N ALA A 70 16.75 -2.27 17.61
CA ALA A 70 15.74 -2.22 18.65
C ALA A 70 14.73 -3.32 18.36
N THR A 71 14.17 -3.89 19.43
CA THR A 71 13.35 -5.08 19.31
C THR A 71 12.06 -4.93 20.12
N LEU A 72 10.95 -5.29 19.50
CA LEU A 72 9.66 -5.38 20.15
C LEU A 72 9.32 -6.85 20.31
N GLY A 73 8.92 -7.26 21.51
CA GLY A 73 8.53 -8.62 21.77
C GLY A 73 7.06 -8.65 22.11
N VAL A 74 6.34 -9.62 21.55
CA VAL A 74 4.93 -9.80 21.80
C VAL A 74 4.72 -11.27 22.18
N THR A 75 4.25 -11.51 23.40
CA THR A 75 3.92 -12.86 23.82
C THR A 75 2.41 -12.97 23.95
N GLY A 76 1.94 -14.21 24.16
CA GLY A 76 0.52 -14.49 24.26
C GLY A 76 -0.26 -13.89 23.10
N LEU A 77 0.19 -14.16 21.88
CA LEU A 77 -0.40 -13.54 20.70
C LEU A 77 -1.90 -13.83 20.63
N GLN A 78 -2.67 -12.83 20.24
CA GLN A 78 -4.07 -13.03 19.95
C GLN A 78 -4.39 -12.30 18.65
N THR A 79 -5.53 -12.67 18.04
CA THR A 79 -5.86 -12.14 16.72
C THR A 79 -6.00 -10.63 16.75
N GLY A 80 -6.40 -10.06 17.88
CA GLY A 80 -6.42 -8.59 17.95
C GLY A 80 -5.06 -7.95 17.81
N ASP A 81 -3.98 -8.74 17.85
CA ASP A 81 -2.65 -8.21 17.63
C ASP A 81 -2.27 -8.13 16.16
N GLU A 82 -3.06 -8.71 15.26
CA GLU A 82 -2.69 -8.70 13.85
C GLU A 82 -2.79 -7.27 13.32
N ALA A 83 -1.68 -6.70 12.88
CA ALA A 83 -1.61 -5.30 12.52
C ALA A 83 -0.24 -5.06 11.88
N ASP A 84 0.00 -3.81 11.50
CA ASP A 84 1.32 -3.35 11.08
C ASP A 84 2.01 -2.69 12.26
N TYR A 85 3.29 -3.03 12.47
CA TYR A 85 4.06 -2.53 13.59
C TYR A 85 5.21 -1.69 13.06
N TYR A 86 5.36 -0.50 13.63
CA TYR A 86 6.42 0.42 13.22
C TYR A 86 7.23 0.81 14.45
N CYS A 87 8.54 0.85 14.29
CA CYS A 87 9.33 1.57 15.27
C CYS A 87 9.51 2.99 14.77
N GLY A 88 9.63 3.94 15.69
CA GLY A 88 9.91 5.31 15.32
C GLY A 88 11.05 5.83 16.16
N THR A 89 11.80 6.78 15.58
CA THR A 89 12.96 7.32 16.28
C THR A 89 13.35 8.65 15.65
N TRP A 90 14.24 9.37 16.32
CA TRP A 90 14.83 10.60 15.83
C TRP A 90 16.19 10.31 15.23
N ASP A 91 16.49 10.94 14.10
CA ASP A 91 17.83 10.88 13.53
C ASP A 91 18.50 12.23 13.79
N SER A 92 19.58 12.20 14.58
CA SER A 92 20.26 13.44 14.98
C SER A 92 20.97 14.13 13.81
N SER A 93 21.37 13.37 12.79
CA SER A 93 22.05 13.98 11.66
C SER A 93 21.10 14.68 10.72
N LEU A 94 19.92 14.09 10.49
CA LEU A 94 18.95 14.66 9.58
C LEU A 94 18.01 15.64 10.25
N SER A 95 17.96 15.64 11.58
CA SER A 95 16.94 16.36 12.34
C SER A 95 15.54 16.02 11.82
N ALA A 96 15.21 14.73 11.87
CA ALA A 96 13.93 14.24 11.37
C ALA A 96 13.54 12.97 12.11
N VAL A 97 12.23 12.77 12.26
CA VAL A 97 11.71 11.49 12.72
C VAL A 97 11.76 10.50 11.56
N MET A 98 12.16 9.28 11.87
CA MET A 98 12.15 8.20 10.89
C MET A 98 11.31 7.06 11.44
N PHE A 99 10.39 6.57 10.64
CA PHE A 99 9.70 5.31 10.92
C PHE A 99 10.48 4.18 10.27
N GLY A 100 10.58 3.05 10.95
CA GLY A 100 10.94 1.83 10.27
C GLY A 100 9.96 1.52 9.15
N GLY A 101 10.35 0.56 8.31
CA GLY A 101 9.55 0.26 7.13
C GLY A 101 8.21 -0.39 7.45
N GLY A 102 8.05 -0.92 8.65
CA GLY A 102 6.80 -1.58 9.00
C GLY A 102 6.90 -3.08 8.85
N THR A 103 6.28 -3.81 9.78
CA THR A 103 6.22 -5.26 9.76
C THR A 103 4.78 -5.67 9.91
N LYS A 104 4.29 -6.52 9.02
CA LYS A 104 2.95 -7.05 9.19
C LYS A 104 3.02 -8.26 10.10
N LEU A 105 2.31 -8.20 11.21
CA LEU A 105 2.23 -9.31 12.16
C LEU A 105 0.97 -10.11 11.83
N THR A 106 1.16 -11.33 11.38
CA THR A 106 0.04 -12.24 11.15
C THR A 106 -0.08 -13.19 12.32
N VAL A 107 -1.29 -13.30 12.87
CA VAL A 107 -1.60 -14.32 13.86
C VAL A 107 -2.21 -15.50 13.09
N LEU A 108 -1.46 -16.60 13.00
CA LEU A 108 -1.81 -17.68 12.10
C LEU A 108 -3.15 -18.31 12.47
N GLY A 109 -4.03 -18.44 11.46
CA GLY A 109 -5.35 -18.98 11.69
C GLY A 109 -5.74 -19.96 10.62
N GLN A 110 -4.82 -20.22 9.69
CA GLN A 110 -5.07 -21.16 8.60
C GLN A 110 -3.72 -21.63 8.08
N PRO A 111 -3.69 -22.70 7.28
CA PRO A 111 -2.43 -23.24 6.78
C PRO A 111 -1.69 -22.25 5.91
N LYS A 112 -0.38 -22.21 6.08
CA LYS A 112 0.47 -21.47 5.15
C LYS A 112 0.31 -22.03 3.74
N ALA A 113 0.38 -21.12 2.76
CA ALA A 113 0.19 -21.46 1.35
C ALA A 113 1.04 -20.53 0.50
N ALA A 114 1.92 -21.13 -0.31
CA ALA A 114 2.76 -20.38 -1.22
C ALA A 114 1.92 -19.84 -2.38
N PRO A 115 2.30 -18.70 -2.95
CA PRO A 115 1.45 -18.08 -3.97
C PRO A 115 1.51 -18.80 -5.29
N SER A 116 0.38 -18.77 -6.00
CA SER A 116 0.36 -18.99 -7.43
C SER A 116 0.55 -17.64 -8.11
N VAL A 117 1.38 -17.61 -9.16
CA VAL A 117 1.68 -16.37 -9.85
C VAL A 117 1.31 -16.56 -11.31
N THR A 118 0.50 -15.67 -11.83
CA THR A 118 0.06 -15.67 -13.21
C THR A 118 0.48 -14.35 -13.82
N LEU A 119 1.30 -14.40 -14.87
CA LEU A 119 1.89 -13.20 -15.46
C LEU A 119 1.32 -13.05 -16.86
N PHE A 120 0.53 -11.99 -17.08
CA PHE A 120 -0.04 -11.72 -18.40
C PHE A 120 0.80 -10.70 -19.15
N PRO A 121 1.23 -10.99 -20.37
CA PRO A 121 1.88 -9.97 -21.20
C PRO A 121 0.87 -8.95 -21.70
N PRO A 122 1.30 -7.83 -22.28
CA PRO A 122 0.33 -6.86 -22.80
C PRO A 122 -0.53 -7.52 -23.87
N SER A 123 -1.83 -7.24 -23.82
CA SER A 123 -2.72 -7.74 -24.86
C SER A 123 -2.41 -7.07 -26.20
N SER A 124 -2.74 -7.78 -27.27
CA SER A 124 -2.65 -7.20 -28.61
C SER A 124 -3.44 -5.89 -28.70
N GLU A 125 -4.63 -5.84 -28.09
CA GLU A 125 -5.44 -4.63 -28.16
C GLU A 125 -4.79 -3.47 -27.44
N GLU A 126 -4.22 -3.72 -26.25
CA GLU A 126 -3.56 -2.63 -25.55
C GLU A 126 -2.33 -2.15 -26.32
N LEU A 127 -1.58 -3.08 -26.91
CA LEU A 127 -0.43 -2.67 -27.71
C LEU A 127 -0.88 -1.79 -28.88
N GLN A 128 -1.98 -2.16 -29.53
CA GLN A 128 -2.50 -1.35 -30.60
C GLN A 128 -3.04 -0.01 -30.12
N ALA A 129 -3.38 0.12 -28.83
CA ALA A 129 -3.65 1.43 -28.25
C ALA A 129 -2.38 2.15 -27.80
N ASN A 130 -1.20 1.68 -28.24
CA ASN A 130 0.08 2.31 -27.91
C ASN A 130 0.41 2.26 -26.42
N LYS A 131 0.00 1.22 -25.71
CA LYS A 131 0.33 1.06 -24.29
C LYS A 131 0.75 -0.39 -24.05
N ALA A 132 1.45 -0.62 -22.95
CA ALA A 132 1.90 -1.98 -22.65
C ALA A 132 1.97 -2.14 -21.14
N THR A 133 1.05 -2.93 -20.60
CA THR A 133 0.95 -3.21 -19.18
C THR A 133 1.15 -4.70 -18.96
N LEU A 134 2.15 -5.05 -18.15
CA LEU A 134 2.30 -6.40 -17.64
C LEU A 134 1.51 -6.52 -16.35
N VAL A 135 0.74 -7.59 -16.23
CA VAL A 135 -0.18 -7.79 -15.12
C VAL A 135 0.26 -9.06 -14.41
N CYS A 136 0.75 -8.90 -13.20
CA CYS A 136 1.16 -10.02 -12.37
C CYS A 136 0.08 -10.26 -11.30
N LEU A 137 -0.63 -11.37 -11.38
CA LEU A 137 -1.68 -11.69 -10.43
C LEU A 137 -1.18 -12.80 -9.52
N ILE A 138 -1.32 -12.59 -8.22
CA ILE A 138 -0.73 -13.42 -7.19
C ILE A 138 -1.86 -13.92 -6.31
N SER A 139 -2.01 -15.24 -6.19
CA SER A 139 -3.25 -15.73 -5.60
C SER A 139 -2.98 -16.89 -4.65
N ASP A 140 -3.96 -17.14 -3.77
CA ASP A 140 -4.00 -18.33 -2.93
C ASP A 140 -2.83 -18.42 -1.98
N PHE A 141 -2.42 -17.31 -1.39
CA PHE A 141 -1.32 -17.39 -0.44
C PHE A 141 -1.76 -16.98 0.96
N TYR A 142 -0.93 -17.36 1.91
CA TYR A 142 -1.14 -17.09 3.32
C TYR A 142 0.17 -17.38 4.06
N PRO A 143 0.63 -16.50 4.95
CA PRO A 143 0.10 -15.20 5.37
C PRO A 143 -0.05 -14.20 4.23
N GLY A 144 -0.85 -13.18 4.43
CA GLY A 144 -1.12 -12.19 3.40
C GLY A 144 -0.08 -11.10 3.31
N ALA A 145 1.14 -11.46 2.95
CA ALA A 145 2.21 -10.47 2.84
C ALA A 145 3.20 -10.99 1.81
N VAL A 146 3.48 -10.18 0.79
CA VAL A 146 4.40 -10.54 -0.28
C VAL A 146 5.21 -9.31 -0.62
N THR A 147 6.37 -9.57 -1.22
CA THR A 147 7.21 -8.55 -1.84
C THR A 147 7.30 -8.87 -3.31
N VAL A 148 7.03 -7.87 -4.15
CA VAL A 148 7.02 -8.05 -5.61
C VAL A 148 8.16 -7.24 -6.20
N ALA A 149 8.92 -7.86 -7.08
CA ALA A 149 10.00 -7.22 -7.80
C ALA A 149 9.86 -7.55 -9.27
N TRP A 150 10.25 -6.61 -10.12
CA TRP A 150 10.17 -6.78 -11.55
C TRP A 150 11.56 -6.76 -12.14
N LYS A 151 11.76 -7.54 -13.20
CA LYS A 151 13.04 -7.61 -13.88
C LYS A 151 12.82 -7.47 -15.37
N ALA A 152 13.65 -6.66 -16.01
CA ALA A 152 13.73 -6.58 -17.46
C ALA A 152 15.00 -7.31 -17.88
N ASP A 153 14.84 -8.36 -18.67
CA ASP A 153 15.89 -9.36 -18.80
C ASP A 153 16.28 -9.80 -17.40
N SER A 154 17.38 -9.31 -16.85
CA SER A 154 17.73 -9.66 -15.48
C SER A 154 18.14 -8.44 -14.67
N SER A 155 17.67 -7.24 -15.06
CA SER A 155 17.98 -6.06 -14.29
C SER A 155 16.75 -5.56 -13.55
N PRO A 156 16.91 -5.08 -12.31
CA PRO A 156 15.77 -4.55 -11.56
C PRO A 156 15.07 -3.41 -12.28
N VAL A 157 13.74 -3.40 -12.20
CA VAL A 157 12.91 -2.33 -12.73
C VAL A 157 12.15 -1.73 -11.57
N LYS A 158 12.30 -0.43 -11.35
CA LYS A 158 11.51 0.24 -10.33
C LYS A 158 10.48 1.22 -10.88
N ALA A 159 10.78 1.90 -11.98
CA ALA A 159 9.85 2.86 -12.55
C ALA A 159 8.62 2.15 -13.13
N GLY A 160 7.45 2.74 -12.93
CA GLY A 160 6.25 2.22 -13.55
C GLY A 160 5.64 1.00 -12.91
N VAL A 161 5.97 0.72 -11.65
CA VAL A 161 5.43 -0.41 -10.90
C VAL A 161 4.35 0.09 -9.95
N GLU A 162 3.18 -0.57 -9.95
CA GLU A 162 2.19 -0.38 -8.90
C GLU A 162 1.73 -1.74 -8.40
N THR A 163 1.57 -1.87 -7.08
CA THR A 163 1.25 -3.14 -6.46
C THR A 163 0.12 -2.93 -5.46
N THR A 164 -0.87 -3.79 -5.47
CA THR A 164 -1.94 -3.66 -4.48
C THR A 164 -1.56 -4.37 -3.19
N THR A 165 -2.15 -3.90 -2.10
CA THR A 165 -2.06 -4.60 -0.83
C THR A 165 -2.89 -5.90 -0.86
N PRO A 166 -2.34 -7.01 -0.36
CA PRO A 166 -3.12 -8.27 -0.38
C PRO A 166 -4.45 -8.12 0.34
N SER A 167 -5.48 -8.72 -0.25
CA SER A 167 -6.79 -8.80 0.37
C SER A 167 -7.35 -10.19 0.12
N LYS A 168 -8.40 -10.54 0.87
CA LYS A 168 -8.89 -11.90 0.89
C LYS A 168 -9.68 -12.26 -0.37
N GLN A 169 -9.50 -13.50 -0.82
CA GLN A 169 -10.34 -14.14 -1.82
C GLN A 169 -11.54 -14.78 -1.14
N SER A 170 -12.40 -15.34 -1.95
CA SER A 170 -13.55 -16.05 -1.49
C SER A 170 -13.21 -17.23 -0.64
N ASN A 171 -12.13 -17.91 -0.96
CA ASN A 171 -11.74 -19.10 -0.23
C ASN A 171 -10.91 -18.79 1.02
N ASN A 172 -10.83 -17.52 1.42
CA ASN A 172 -10.20 -17.03 2.65
C ASN A 172 -8.68 -16.93 2.56
N LYS A 173 -8.04 -17.36 1.48
CA LYS A 173 -6.65 -17.02 1.23
C LYS A 173 -6.55 -15.62 0.63
N TYR A 174 -5.32 -15.15 0.45
CA TYR A 174 -5.02 -13.79 -0.01
C TYR A 174 -4.65 -13.78 -1.48
N ALA A 175 -4.90 -12.63 -2.11
CA ALA A 175 -4.47 -12.40 -3.49
C ALA A 175 -3.92 -10.98 -3.54
N ALA A 176 -3.01 -10.74 -4.47
CA ALA A 176 -2.53 -9.38 -4.71
C ALA A 176 -2.21 -9.25 -6.19
N SER A 177 -1.97 -8.02 -6.63
CA SER A 177 -1.75 -7.76 -8.04
C SER A 177 -0.63 -6.73 -8.18
N SER A 178 0.15 -6.87 -9.25
CA SER A 178 1.17 -5.89 -9.52
C SER A 178 1.18 -5.58 -11.01
N TYR A 179 1.46 -4.33 -11.33
CA TYR A 179 1.45 -3.81 -12.69
C TYR A 179 2.80 -3.21 -13.02
N LEU A 180 3.29 -3.49 -14.21
CA LEU A 180 4.44 -2.80 -14.77
C LEU A 180 3.95 -2.11 -16.04
N SER A 181 3.96 -0.78 -16.04
CA SER A 181 3.45 0.01 -17.17
C SER A 181 4.61 0.37 -18.06
N LEU A 182 4.63 -0.16 -19.26
CA LEU A 182 5.70 0.06 -20.22
C LEU A 182 5.18 0.78 -21.45
N THR A 183 6.15 1.38 -22.13
CA THR A 183 6.01 1.78 -23.51
C THR A 183 6.03 0.54 -24.41
N PRO A 184 5.28 0.51 -25.51
CA PRO A 184 5.44 -0.62 -26.43
C PRO A 184 6.87 -0.78 -26.90
N GLU A 185 7.60 0.33 -27.06
CA GLU A 185 9.01 0.25 -27.45
C GLU A 185 9.87 -0.29 -26.30
N GLN A 186 9.60 0.12 -25.06
CA GLN A 186 10.29 -0.50 -23.94
C GLN A 186 9.99 -1.99 -23.88
N TRP A 187 8.75 -2.39 -24.19
CA TRP A 187 8.36 -3.80 -24.13
C TRP A 187 9.13 -4.63 -25.15
N LYS A 188 9.20 -4.17 -26.40
CA LYS A 188 9.79 -4.99 -27.45
C LYS A 188 11.31 -4.95 -27.46
N SER A 189 11.93 -4.08 -26.68
CA SER A 189 13.38 -3.92 -26.67
C SER A 189 14.02 -4.71 -25.51
N HIS A 190 13.41 -5.81 -25.09
CA HIS A 190 13.99 -6.66 -24.07
C HIS A 190 13.66 -8.10 -24.44
N LYS A 191 14.55 -9.02 -24.07
CA LYS A 191 14.26 -10.40 -24.44
C LYS A 191 13.21 -11.01 -23.52
N SER A 192 13.11 -10.56 -22.27
CA SER A 192 12.07 -11.08 -21.40
C SER A 192 11.82 -10.10 -20.25
N TYR A 193 10.69 -10.30 -19.59
CA TYR A 193 10.33 -9.60 -18.37
C TYR A 193 9.86 -10.61 -17.34
N SER A 194 10.13 -10.30 -16.07
CA SER A 194 9.81 -11.22 -15.00
C SER A 194 9.13 -10.52 -13.84
N CYS A 195 8.14 -11.19 -13.27
CA CYS A 195 7.51 -10.82 -12.00
C CYS A 195 8.04 -11.78 -10.92
N GLN A 196 8.70 -11.28 -9.89
CA GLN A 196 9.26 -12.09 -8.82
C GLN A 196 8.54 -11.84 -7.55
N VAL A 197 7.97 -12.86 -6.98
CA VAL A 197 7.13 -12.73 -5.79
C VAL A 197 7.77 -13.46 -4.63
N THR A 198 8.12 -12.72 -3.59
CA THR A 198 8.71 -13.30 -2.39
C THR A 198 7.68 -13.42 -1.28
N HIS A 199 7.56 -14.63 -0.74
CA HIS A 199 6.57 -14.97 0.28
C HIS A 199 7.23 -15.90 1.27
N GLU A 200 7.30 -15.49 2.55
CA GLU A 200 7.86 -16.30 3.63
C GLU A 200 9.22 -16.90 3.25
N GLY A 201 10.15 -16.05 2.82
CA GLY A 201 11.45 -16.58 2.43
C GLY A 201 11.32 -17.74 1.47
N SER A 202 10.85 -17.41 0.28
CA SER A 202 10.68 -18.33 -0.84
C SER A 202 10.19 -17.42 -1.96
N THR A 203 10.64 -17.67 -3.18
CA THR A 203 10.42 -16.73 -4.27
C THR A 203 9.90 -17.49 -5.48
N VAL A 204 8.78 -17.03 -6.03
CA VAL A 204 8.21 -17.58 -7.26
C VAL A 204 8.38 -16.52 -8.33
N GLU A 205 9.03 -16.87 -9.43
CA GLU A 205 9.25 -15.95 -10.54
C GLU A 205 8.60 -16.51 -11.80
N LYS A 206 7.81 -15.68 -12.47
CA LYS A 206 7.21 -15.99 -13.76
C LYS A 206 7.82 -15.08 -14.80
N THR A 207 8.01 -15.59 -16.00
CA THR A 207 8.65 -14.83 -17.08
C THR A 207 7.78 -14.84 -18.33
N VAL A 208 7.72 -13.69 -19.01
CA VAL A 208 7.12 -13.60 -20.33
C VAL A 208 8.13 -12.92 -21.26
N ALA A 209 7.89 -13.07 -22.56
CA ALA A 209 8.79 -12.53 -23.59
C ALA A 209 7.95 -11.99 -24.75
N PRO A 210 8.36 -10.86 -25.32
CA PRO A 210 7.59 -10.28 -26.44
C PRO A 210 7.51 -11.21 -27.64
N THR A 211 8.46 -12.11 -27.80
CA THR A 211 8.56 -12.99 -28.96
C THR A 211 7.86 -14.33 -28.77
N GLU A 212 7.26 -14.57 -27.61
CA GLU A 212 6.63 -15.85 -27.33
C GLU A 212 5.22 -15.61 -26.82
N CYS A 213 4.30 -16.47 -27.22
CA CYS A 213 2.95 -16.37 -26.72
C CYS A 213 2.83 -16.93 -25.31
N GLN B 1 -11.86 13.80 27.08
CA GLN B 1 -10.55 13.36 26.77
C GLN B 1 -10.00 14.22 25.64
N VAL B 2 -8.78 13.96 25.36
CA VAL B 2 -8.02 14.55 24.24
C VAL B 2 -8.58 14.04 22.91
N GLN B 3 -8.90 14.96 22.01
CA GLN B 3 -9.37 14.63 20.67
C GLN B 3 -8.70 15.55 19.66
N LEU B 4 -8.48 15.01 18.48
CA LEU B 4 -7.88 15.71 17.35
C LEU B 4 -8.68 15.42 16.10
N GLN B 5 -8.97 16.44 15.29
CA GLN B 5 -9.82 16.29 14.11
C GLN B 5 -9.19 17.01 12.92
N GLU B 6 -8.69 16.24 11.95
CA GLU B 6 -8.15 16.82 10.72
C GLU B 6 -9.27 17.18 9.75
N SER B 7 -8.99 18.15 8.89
CA SER B 7 -9.90 18.41 7.78
C SER B 7 -9.13 19.14 6.68
N GLY B 8 -9.80 19.36 5.56
CA GLY B 8 -9.24 20.03 4.41
C GLY B 8 -8.82 19.12 3.28
N GLY B 9 -8.80 17.82 3.49
CA GLY B 9 -8.37 16.91 2.44
C GLY B 9 -9.39 16.80 1.32
N GLY B 10 -8.92 16.31 0.18
CA GLY B 10 -9.78 16.15 -0.98
C GLY B 10 -8.95 16.03 -2.24
N LEU B 11 -9.61 16.28 -3.37
CA LEU B 11 -9.01 16.20 -4.69
C LEU B 11 -8.36 17.54 -5.04
N VAL B 12 -7.10 17.48 -5.48
CA VAL B 12 -6.35 18.68 -5.84
C VAL B 12 -5.43 18.32 -6.99
N GLN B 13 -5.21 19.27 -7.91
CA GLN B 13 -4.42 18.98 -9.10
C GLN B 13 -2.92 19.16 -8.84
N PRO B 14 -2.08 18.39 -9.52
CA PRO B 14 -0.62 18.54 -9.33
C PRO B 14 -0.20 19.98 -9.58
N GLY B 15 0.81 20.42 -8.83
CA GLY B 15 1.31 21.78 -8.90
C GLY B 15 0.53 22.78 -8.08
N ARG B 16 -0.76 22.52 -7.82
CA ARG B 16 -1.56 23.45 -7.03
C ARG B 16 -1.21 23.33 -5.55
N SER B 17 -2.06 23.90 -4.70
CA SER B 17 -1.77 24.00 -3.28
C SER B 17 -3.00 23.61 -2.49
N LEU B 18 -2.80 23.28 -1.23
CA LEU B 18 -3.90 22.87 -0.36
C LEU B 18 -3.48 23.07 1.08
N ARG B 19 -4.44 23.45 1.92
CA ARG B 19 -4.20 23.72 3.33
C ARG B 19 -4.99 22.74 4.19
N LEU B 20 -4.30 21.96 5.01
CA LEU B 20 -4.94 21.09 5.98
C LEU B 20 -4.96 21.74 7.35
N SER B 21 -5.99 21.41 8.12
CA SER B 21 -6.18 21.88 9.48
C SER B 21 -6.39 20.71 10.42
N CYS B 22 -5.98 20.89 11.66
CA CYS B 22 -6.17 19.89 12.72
C CYS B 22 -6.66 20.65 13.95
N ALA B 23 -7.89 20.38 14.38
CA ALA B 23 -8.45 21.02 15.56
C ALA B 23 -8.24 20.13 16.78
N ALA B 24 -7.88 20.74 17.90
CA ALA B 24 -7.52 20.04 19.13
C ALA B 24 -8.51 20.38 20.23
N SER B 25 -8.66 19.46 21.18
CA SER B 25 -9.78 19.51 22.12
C SER B 25 -9.41 19.40 23.58
N GLY B 26 -9.02 18.23 24.05
CA GLY B 26 -9.08 18.04 25.50
C GLY B 26 -7.83 18.34 26.29
N PHE B 27 -7.05 19.34 25.88
CA PHE B 27 -5.76 19.62 26.52
C PHE B 27 -5.36 21.07 26.23
N THR B 28 -4.34 21.55 26.95
CA THR B 28 -3.80 22.88 26.71
C THR B 28 -2.95 22.82 25.44
N PHE B 29 -3.51 23.31 24.34
CA PHE B 29 -2.88 23.14 23.03
C PHE B 29 -1.48 23.77 23.00
N SER B 30 -1.33 24.96 23.60
CA SER B 30 -0.11 25.75 23.52
C SER B 30 1.06 25.14 24.29
N SER B 31 0.87 24.03 25.00
CA SER B 31 1.92 23.36 25.75
C SER B 31 2.55 22.18 25.02
N TYR B 32 2.16 21.90 23.78
CA TYR B 32 2.57 20.67 23.11
C TYR B 32 3.07 20.96 21.71
N ALA B 33 4.14 20.27 21.34
CA ALA B 33 4.49 20.19 19.93
C ALA B 33 3.45 19.34 19.21
N MET B 34 3.32 19.54 17.89
CA MET B 34 2.33 18.82 17.07
C MET B 34 2.98 18.37 15.77
N HIS B 35 2.63 17.14 15.34
CA HIS B 35 3.19 16.54 14.15
C HIS B 35 2.15 16.38 13.05
N TRP B 36 2.63 16.32 11.80
CA TRP B 36 1.91 15.70 10.69
C TRP B 36 2.62 14.43 10.25
N VAL B 37 1.84 13.39 10.00
CA VAL B 37 2.32 12.08 9.56
C VAL B 37 1.36 11.64 8.44
N ARG B 38 1.88 10.96 7.43
CA ARG B 38 1.02 10.58 6.32
C ARG B 38 1.26 9.13 5.96
N GLN B 39 0.31 8.55 5.23
CA GLN B 39 0.45 7.19 4.73
C GLN B 39 -0.08 7.15 3.30
N ALA B 40 0.84 6.95 2.35
CA ALA B 40 0.48 6.81 0.95
C ALA B 40 -0.08 5.41 0.69
N PRO B 41 -0.94 5.26 -0.32
CA PRO B 41 -1.58 3.95 -0.55
C PRO B 41 -0.57 2.83 -0.64
N GLY B 42 -0.71 1.84 0.24
CA GLY B 42 0.20 0.71 0.25
C GLY B 42 1.58 0.94 0.80
N LYS B 43 1.89 2.13 1.33
CA LYS B 43 3.21 2.39 1.89
C LYS B 43 3.17 2.42 3.41
N GLY B 44 4.35 2.38 4.01
CA GLY B 44 4.46 2.56 5.45
C GLY B 44 4.21 4.00 5.85
N LEU B 45 3.99 4.20 7.15
CA LEU B 45 3.86 5.55 7.71
C LEU B 45 5.07 6.39 7.35
N GLU B 46 4.85 7.65 7.04
CA GLU B 46 5.94 8.56 6.70
C GLU B 46 5.75 9.84 7.48
N TRP B 47 6.68 10.14 8.38
CA TRP B 47 6.63 11.40 9.12
C TRP B 47 6.80 12.58 8.17
N VAL B 48 6.02 13.64 8.39
CA VAL B 48 6.00 14.82 7.53
C VAL B 48 6.69 16.03 8.19
N ALA B 49 6.21 16.45 9.36
CA ALA B 49 6.73 17.67 9.99
C ALA B 49 6.32 17.73 11.46
N VAL B 50 6.99 18.62 12.20
CA VAL B 50 6.65 18.87 13.60
C VAL B 50 6.84 20.36 13.85
N ILE B 51 6.05 20.91 14.76
CA ILE B 51 6.18 22.32 15.14
C ILE B 51 6.14 22.40 16.65
N SER B 52 7.07 23.16 17.25
CA SER B 52 7.14 23.19 18.69
C SER B 52 5.94 23.98 19.24
N TYR B 53 5.81 23.97 20.57
CA TYR B 53 4.64 24.56 21.22
C TYR B 53 4.41 26.02 20.81
N ASP B 54 5.48 26.79 20.57
CA ASP B 54 5.33 28.19 20.19
C ASP B 54 5.71 28.46 18.75
N GLY B 55 6.03 27.43 17.96
CA GLY B 55 6.35 27.64 16.57
C GLY B 55 7.75 28.11 16.28
N SER B 56 8.60 28.29 17.32
CA SER B 56 9.95 28.75 17.05
C SER B 56 10.86 27.66 16.53
N ASN B 57 10.45 26.38 16.60
CA ASN B 57 11.19 25.27 16.04
C ASN B 57 10.28 24.40 15.19
N LYS B 58 10.63 24.22 13.92
CA LYS B 58 9.91 23.37 12.97
C LYS B 58 10.92 22.47 12.28
N TYR B 59 10.51 21.24 12.01
CA TYR B 59 11.34 20.29 11.28
C TYR B 59 10.48 19.61 10.22
N TYR B 60 11.11 19.20 9.12
CA TYR B 60 10.41 18.69 7.95
C TYR B 60 11.15 17.47 7.42
N ALA B 61 10.40 16.48 6.93
CA ALA B 61 11.04 15.42 6.17
C ALA B 61 11.62 16.00 4.88
N ASP B 62 12.74 15.42 4.42
CA ASP B 62 13.35 15.89 3.18
C ASP B 62 12.37 15.83 2.00
N SER B 63 11.49 14.83 1.99
CA SER B 63 10.58 14.64 0.86
C SER B 63 9.60 15.80 0.67
N VAL B 64 9.44 16.66 1.68
CA VAL B 64 8.51 17.79 1.60
C VAL B 64 9.16 19.12 1.93
N LYS B 65 10.42 19.13 2.34
CA LYS B 65 11.07 20.39 2.74
C LYS B 65 11.15 21.36 1.57
N GLY B 66 10.71 22.59 1.79
CA GLY B 66 10.66 23.58 0.74
C GLY B 66 9.32 23.69 0.04
N ARG B 67 8.47 22.67 0.14
CA ARG B 67 7.14 22.69 -0.44
C ARG B 67 6.02 22.85 0.58
N PHE B 68 6.16 22.21 1.75
CA PHE B 68 5.17 22.25 2.80
C PHE B 68 5.60 23.21 3.90
N THR B 69 4.62 23.88 4.50
CA THR B 69 4.83 24.76 5.64
C THR B 69 3.91 24.33 6.76
N ILE B 70 4.48 23.98 7.91
CA ILE B 70 3.70 23.70 9.11
C ILE B 70 3.54 24.98 9.92
N SER B 71 2.33 25.21 10.42
CA SER B 71 2.08 26.36 11.27
C SER B 71 1.00 26.01 12.28
N ARG B 72 0.81 26.91 13.24
CA ARG B 72 -0.20 26.71 14.28
C ARG B 72 -0.75 28.05 14.71
N ASP B 73 -1.94 28.00 15.29
CA ASP B 73 -2.61 29.17 15.86
C ASP B 73 -3.12 28.75 17.22
N ASN B 74 -2.35 29.08 18.28
CA ASN B 74 -2.67 28.63 19.63
C ASN B 74 -3.91 29.31 20.20
N SER B 75 -4.35 30.42 19.60
CA SER B 75 -5.58 31.08 20.03
C SER B 75 -6.83 30.39 19.47
N LYS B 76 -6.69 29.55 18.43
CA LYS B 76 -7.80 28.79 17.90
C LYS B 76 -7.60 27.29 18.06
N ASN B 77 -6.58 26.87 18.80
CA ASN B 77 -6.32 25.45 19.06
C ASN B 77 -6.19 24.66 17.75
N THR B 78 -5.56 25.27 16.74
CA THR B 78 -5.52 24.68 15.41
C THR B 78 -4.08 24.54 14.92
N LEU B 79 -3.78 23.36 14.37
CA LEU B 79 -2.56 23.07 13.63
C LEU B 79 -2.84 23.12 12.13
N TYR B 80 -1.88 23.62 11.35
CA TYR B 80 -2.02 23.76 9.91
C TYR B 80 -0.87 23.08 9.18
N LEU B 81 -1.17 22.63 7.96
CA LEU B 81 -0.14 22.18 7.03
C LEU B 81 -0.49 22.78 5.68
N GLN B 82 0.34 23.72 5.23
CA GLN B 82 0.19 24.34 3.93
C GLN B 82 1.00 23.52 2.94
N MET B 83 0.32 22.87 1.99
CA MET B 83 1.00 22.05 1.00
C MET B 83 1.03 22.79 -0.34
N ASN B 84 2.23 23.01 -0.86
CA ASN B 84 2.41 23.69 -2.14
C ASN B 84 3.10 22.75 -3.10
N SER B 85 2.96 23.05 -4.39
CA SER B 85 3.66 22.33 -5.46
C SER B 85 3.40 20.83 -5.35
N LEU B 86 2.13 20.47 -5.23
CA LEU B 86 1.75 19.10 -4.93
C LEU B 86 2.09 18.16 -6.07
N ARG B 87 2.59 16.98 -5.71
CA ARG B 87 2.96 15.93 -6.66
C ARG B 87 2.14 14.68 -6.38
N ALA B 88 2.15 13.76 -7.36
CA ALA B 88 1.35 12.54 -7.25
C ALA B 88 1.73 11.74 -6.00
N GLU B 89 3.02 11.72 -5.68
CA GLU B 89 3.52 11.00 -4.51
C GLU B 89 3.02 11.58 -3.19
N ASP B 90 2.36 12.74 -3.19
CA ASP B 90 1.78 13.31 -1.99
C ASP B 90 0.40 12.77 -1.68
N THR B 91 -0.18 11.99 -2.59
CA THR B 91 -1.46 11.32 -2.32
C THR B 91 -1.31 10.43 -1.08
N ALA B 92 -2.17 10.65 -0.08
CA ALA B 92 -1.97 9.96 1.19
C ALA B 92 -3.10 10.37 2.13
N VAL B 93 -3.30 9.55 3.16
CA VAL B 93 -4.04 9.97 4.33
C VAL B 93 -3.07 10.75 5.22
N TYR B 94 -3.46 11.97 5.61
CA TYR B 94 -2.65 12.81 6.47
C TYR B 94 -3.23 12.83 7.87
N TYR B 95 -2.38 12.55 8.86
CA TYR B 95 -2.76 12.53 10.28
C TYR B 95 -2.05 13.65 11.01
N CYS B 96 -2.73 14.25 11.98
CA CYS B 96 -2.01 15.05 12.96
C CYS B 96 -1.85 14.22 14.22
N ALA B 97 -0.81 14.54 14.99
CA ALA B 97 -0.48 13.76 16.17
C ALA B 97 0.10 14.69 17.20
N ARG B 98 -0.28 14.49 18.46
CA ARG B 98 0.26 15.28 19.55
C ARG B 98 1.57 14.68 20.01
N ASP B 99 2.57 15.55 20.22
CA ASP B 99 3.87 15.12 20.71
C ASP B 99 3.83 15.03 22.22
N TYR B 100 4.59 14.09 22.77
CA TYR B 100 4.83 14.09 24.21
C TYR B 100 6.33 14.24 24.47
N ASP B 101 6.72 15.42 24.97
CA ASP B 101 8.05 15.65 25.57
C ASP B 101 9.19 15.34 24.59
N TRP B 102 8.98 15.64 23.31
CA TRP B 102 9.96 15.31 22.27
C TRP B 102 10.42 13.86 22.37
N GLN B 103 9.48 12.95 22.67
CA GLN B 103 9.82 11.56 22.93
C GLN B 103 8.99 10.56 22.15
N TYR B 104 7.68 10.79 22.02
CA TYR B 104 6.81 9.86 21.29
C TYR B 104 5.51 10.58 20.93
N PHE B 105 4.75 10.00 20.02
CA PHE B 105 3.41 10.46 19.70
C PHE B 105 2.43 9.83 20.67
N ASP B 106 1.50 10.62 21.22
CA ASP B 106 0.55 9.98 22.13
C ASP B 106 -0.89 10.03 21.67
N TYR B 107 -1.35 11.11 21.02
CA TYR B 107 -2.71 11.13 20.50
C TYR B 107 -2.68 11.48 19.01
N TRP B 108 -3.66 10.91 18.28
CA TRP B 108 -3.77 11.06 16.83
C TRP B 108 -5.19 11.44 16.42
N GLY B 109 -5.29 12.14 15.29
CA GLY B 109 -6.58 12.38 14.66
C GLY B 109 -7.04 11.15 13.88
N GLN B 110 -8.14 11.32 13.19
CA GLN B 110 -8.76 10.30 12.36
C GLN B 110 -8.11 10.22 11.01
N GLY B 111 -7.59 11.33 10.56
CA GLY B 111 -6.97 11.43 9.25
C GLY B 111 -7.87 12.13 8.24
N THR B 112 -7.22 12.65 7.20
CA THR B 112 -7.94 13.25 6.10
C THR B 112 -7.22 12.85 4.82
N LEU B 113 -7.97 12.46 3.80
CA LEU B 113 -7.38 11.91 2.58
C LEU B 113 -7.12 13.02 1.58
N VAL B 114 -5.94 13.00 0.97
CA VAL B 114 -5.55 13.95 -0.07
C VAL B 114 -5.22 13.16 -1.32
N THR B 115 -5.91 13.46 -2.42
CA THR B 115 -5.67 12.81 -3.70
C THR B 115 -5.18 13.87 -4.67
N VAL B 116 -4.00 13.64 -5.24
CA VAL B 116 -3.40 14.56 -6.20
C VAL B 116 -3.60 13.95 -7.57
N SER B 117 -4.48 14.54 -8.38
CA SER B 117 -4.67 14.07 -9.74
C SER B 117 -5.24 15.20 -10.60
N SER B 118 -4.73 15.31 -11.82
CA SER B 118 -5.27 16.25 -12.80
C SER B 118 -6.53 15.74 -13.48
N ALA B 119 -7.01 14.54 -13.15
CA ALA B 119 -8.05 13.89 -13.93
C ALA B 119 -9.43 14.47 -13.65
N SER B 120 -10.27 14.44 -14.67
CA SER B 120 -11.71 14.60 -14.55
C SER B 120 -12.37 13.23 -14.76
N THR B 121 -13.69 13.20 -14.58
CA THR B 121 -14.45 11.97 -14.75
C THR B 121 -14.18 11.36 -16.12
N LYS B 122 -13.88 10.06 -16.12
CA LYS B 122 -13.41 9.38 -17.33
C LYS B 122 -13.71 7.90 -17.19
N GLY B 123 -14.45 7.34 -18.15
CA GLY B 123 -14.78 5.94 -18.14
C GLY B 123 -13.57 5.09 -18.52
N PRO B 124 -13.62 3.81 -18.20
CA PRO B 124 -12.45 2.95 -18.36
C PRO B 124 -12.30 2.44 -19.78
N SER B 125 -11.07 2.06 -20.11
CA SER B 125 -10.82 1.17 -21.24
C SER B 125 -10.61 -0.23 -20.69
N VAL B 126 -11.20 -1.22 -21.33
CA VAL B 126 -11.16 -2.59 -20.84
C VAL B 126 -10.34 -3.42 -21.83
N PHE B 127 -9.27 -4.07 -21.35
CA PHE B 127 -8.51 -4.96 -22.23
C PHE B 127 -8.57 -6.39 -21.72
N PRO B 128 -8.52 -7.39 -22.60
CA PRO B 128 -8.60 -8.78 -22.14
C PRO B 128 -7.26 -9.27 -21.61
N LEU B 129 -7.34 -10.09 -20.57
CA LEU B 129 -6.18 -10.86 -20.11
C LEU B 129 -6.46 -12.30 -20.56
N ALA B 130 -5.96 -12.64 -21.73
CA ALA B 130 -6.37 -13.90 -22.36
C ALA B 130 -5.69 -15.07 -21.69
N PRO B 131 -6.32 -16.25 -21.70
CA PRO B 131 -5.71 -17.42 -21.06
C PRO B 131 -4.47 -17.89 -21.81
N SER B 132 -3.53 -18.46 -21.05
CA SER B 132 -2.27 -18.92 -21.61
C SER B 132 -2.48 -19.88 -22.77
N SER B 133 -1.66 -19.73 -23.80
CA SER B 133 -1.65 -20.68 -24.92
C SER B 133 -1.21 -22.08 -24.50
N LYS B 134 -0.68 -22.24 -23.29
CA LYS B 134 -0.26 -23.54 -22.78
C LYS B 134 -1.40 -24.31 -22.11
N SER B 135 -2.66 -23.94 -22.36
CA SER B 135 -3.81 -24.60 -21.77
C SER B 135 -4.17 -25.85 -22.55
N THR B 136 -4.25 -26.97 -21.86
CA THR B 136 -4.65 -28.26 -22.43
C THR B 136 -5.86 -28.78 -21.66
N SER B 137 -6.81 -29.37 -22.39
CA SER B 137 -7.97 -29.97 -21.74
C SER B 137 -7.50 -30.99 -20.71
N GLY B 138 -8.00 -30.86 -19.49
CA GLY B 138 -7.46 -31.56 -18.34
C GLY B 138 -6.87 -30.66 -17.26
N GLY B 139 -6.87 -29.35 -17.49
CA GLY B 139 -6.38 -28.39 -16.50
C GLY B 139 -7.28 -27.18 -16.38
N THR B 140 -6.84 -26.18 -15.63
CA THR B 140 -7.61 -24.95 -15.46
C THR B 140 -6.82 -23.77 -16.01
N ALA B 141 -7.55 -22.73 -16.39
CA ALA B 141 -6.97 -21.55 -17.02
C ALA B 141 -7.44 -20.30 -16.28
N ALA B 142 -6.52 -19.38 -16.07
CA ALA B 142 -6.85 -18.07 -15.53
C ALA B 142 -7.06 -17.11 -16.70
N LEU B 143 -8.18 -16.41 -16.70
CA LEU B 143 -8.38 -15.33 -17.67
C LEU B 143 -8.99 -14.15 -16.93
N GLY B 144 -8.98 -13.00 -17.57
CA GLY B 144 -9.46 -11.84 -16.85
C GLY B 144 -9.63 -10.63 -17.74
N CYS B 145 -9.77 -9.47 -17.09
CA CYS B 145 -9.72 -8.26 -17.87
C CYS B 145 -9.11 -7.13 -17.06
N LEU B 146 -8.34 -6.33 -17.77
CA LEU B 146 -7.66 -5.18 -17.24
C LEU B 146 -8.56 -3.96 -17.47
N VAL B 147 -8.98 -3.32 -16.38
CA VAL B 147 -9.85 -2.14 -16.42
C VAL B 147 -8.96 -0.94 -16.18
N LYS B 148 -8.65 -0.21 -17.21
CA LYS B 148 -7.77 0.85 -16.96
C LYS B 148 -8.10 2.25 -17.30
N ASP B 149 -7.43 3.13 -16.59
CA ASP B 149 -7.46 4.58 -16.84
C ASP B 149 -8.85 5.18 -16.67
N TYR B 150 -9.46 4.93 -15.51
CA TYR B 150 -10.75 5.54 -15.20
C TYR B 150 -10.62 6.46 -13.98
N PHE B 151 -11.69 7.22 -13.76
CA PHE B 151 -11.70 8.20 -12.67
C PHE B 151 -13.10 8.77 -12.49
N PRO B 152 -13.59 8.91 -11.25
CA PRO B 152 -12.95 8.42 -10.03
C PRO B 152 -13.37 6.98 -9.76
N GLU B 153 -13.05 6.46 -8.57
CA GLU B 153 -13.60 5.21 -8.12
C GLU B 153 -15.10 5.38 -7.86
N PRO B 154 -15.88 4.28 -7.90
CA PRO B 154 -15.47 2.91 -8.16
C PRO B 154 -15.92 2.35 -9.51
N VAL B 155 -15.35 1.20 -9.82
CA VAL B 155 -15.80 0.32 -10.89
C VAL B 155 -16.32 -0.95 -10.24
N THR B 156 -17.40 -1.53 -10.78
CA THR B 156 -17.77 -2.89 -10.42
C THR B 156 -17.62 -3.79 -11.62
N VAL B 157 -17.29 -5.06 -11.36
CA VAL B 157 -17.06 -6.04 -12.41
C VAL B 157 -17.89 -7.26 -12.12
N SER B 158 -18.59 -7.74 -13.14
CA SER B 158 -19.22 -9.03 -13.08
C SER B 158 -18.80 -9.83 -14.31
N TRP B 159 -19.08 -11.13 -14.30
CA TRP B 159 -18.75 -11.97 -15.41
C TRP B 159 -20.01 -12.62 -15.95
N ASN B 160 -20.10 -12.67 -17.27
CA ASN B 160 -21.22 -13.30 -17.97
C ASN B 160 -22.54 -12.80 -17.39
N SER B 161 -22.60 -11.49 -17.12
CA SER B 161 -23.79 -10.80 -16.61
C SER B 161 -24.26 -11.32 -15.26
N GLY B 162 -23.34 -11.79 -14.42
CA GLY B 162 -23.70 -12.36 -13.14
C GLY B 162 -23.86 -13.86 -13.14
N ALA B 163 -23.83 -14.51 -14.31
CA ALA B 163 -24.02 -15.95 -14.35
C ALA B 163 -22.79 -16.69 -13.82
N LEU B 164 -21.61 -16.07 -13.91
CA LEU B 164 -20.36 -16.70 -13.51
C LEU B 164 -19.84 -15.98 -12.27
N THR B 165 -19.94 -16.64 -11.11
CA THR B 165 -19.45 -16.02 -9.89
C THR B 165 -18.40 -16.86 -9.19
N SER B 166 -18.39 -18.18 -9.37
CA SER B 166 -17.43 -19.02 -8.67
C SER B 166 -16.04 -18.91 -9.31
N GLY B 167 -15.02 -18.69 -8.48
CA GLY B 167 -13.67 -18.56 -8.97
C GLY B 167 -13.28 -17.18 -9.45
N VAL B 168 -14.09 -16.18 -9.19
CA VAL B 168 -13.84 -14.79 -9.60
C VAL B 168 -13.15 -14.06 -8.46
N HIS B 169 -12.14 -13.28 -8.78
CA HIS B 169 -11.56 -12.34 -7.83
C HIS B 169 -11.34 -11.01 -8.55
N THR B 170 -11.92 -9.96 -8.01
CA THR B 170 -11.70 -8.62 -8.52
C THR B 170 -10.81 -7.90 -7.52
N PHE B 171 -9.68 -7.39 -8.00
CA PHE B 171 -8.66 -6.77 -7.17
C PHE B 171 -9.03 -5.32 -6.83
N PRO B 172 -8.44 -4.77 -5.78
CA PRO B 172 -8.53 -3.33 -5.56
C PRO B 172 -7.87 -2.57 -6.70
N ALA B 173 -8.22 -1.31 -6.81
CA ALA B 173 -7.64 -0.44 -7.82
C ALA B 173 -6.29 0.10 -7.35
N VAL B 174 -5.41 0.41 -8.31
CA VAL B 174 -4.23 1.21 -8.05
C VAL B 174 -4.45 2.59 -8.68
N LEU B 175 -3.88 3.60 -8.07
CA LEU B 175 -3.85 4.92 -8.67
C LEU B 175 -2.51 5.04 -9.39
N GLN B 176 -2.55 5.10 -10.71
CA GLN B 176 -1.31 5.19 -11.46
C GLN B 176 -0.77 6.62 -11.40
N SER B 177 0.52 6.76 -11.71
CA SER B 177 1.15 8.08 -11.68
C SER B 177 0.43 9.07 -12.58
N SER B 178 -0.30 8.57 -13.58
CA SER B 178 -1.07 9.42 -14.48
C SER B 178 -2.24 10.14 -13.80
N GLY B 179 -2.53 9.85 -12.54
CA GLY B 179 -3.73 10.36 -11.92
C GLY B 179 -4.99 9.53 -12.17
N LEU B 180 -4.89 8.40 -12.86
CA LEU B 180 -6.03 7.54 -13.19
C LEU B 180 -5.90 6.18 -12.54
N TYR B 181 -7.04 5.56 -12.22
CA TYR B 181 -7.09 4.26 -11.60
C TYR B 181 -7.07 3.12 -12.63
N SER B 182 -6.55 1.97 -12.20
CA SER B 182 -6.67 0.71 -12.93
C SER B 182 -6.93 -0.42 -11.95
N LEU B 183 -7.65 -1.45 -12.42
CA LEU B 183 -7.78 -2.67 -11.64
C LEU B 183 -7.92 -3.84 -12.59
N SER B 184 -7.90 -5.04 -12.01
CA SER B 184 -8.15 -6.24 -12.77
C SER B 184 -9.16 -7.12 -12.07
N SER B 185 -9.82 -7.94 -12.89
CA SER B 185 -10.68 -9.02 -12.46
C SER B 185 -10.21 -10.29 -13.13
N VAL B 186 -10.15 -11.39 -12.38
CA VAL B 186 -9.66 -12.64 -12.91
C VAL B 186 -10.64 -13.74 -12.52
N VAL B 187 -10.74 -14.76 -13.38
CA VAL B 187 -11.58 -15.92 -13.10
C VAL B 187 -10.81 -17.17 -13.54
N THR B 188 -10.89 -18.21 -12.73
CA THR B 188 -10.31 -19.51 -13.08
C THR B 188 -11.42 -20.39 -13.63
N VAL B 189 -11.21 -20.91 -14.84
CA VAL B 189 -12.25 -21.69 -15.52
C VAL B 189 -11.63 -22.99 -16.01
N PRO B 190 -12.42 -23.99 -16.39
CA PRO B 190 -11.83 -25.21 -16.95
C PRO B 190 -11.27 -24.92 -18.33
N SER B 191 -10.04 -25.37 -18.57
CA SER B 191 -9.46 -25.26 -19.91
C SER B 191 -10.35 -25.94 -20.95
N SER B 192 -11.00 -27.05 -20.57
CA SER B 192 -11.94 -27.72 -21.47
C SER B 192 -12.93 -26.75 -22.09
N SER B 193 -13.36 -25.73 -21.33
CA SER B 193 -14.45 -24.88 -21.76
C SER B 193 -14.02 -23.76 -22.71
N LEU B 194 -12.72 -23.59 -22.96
CA LEU B 194 -12.25 -22.38 -23.63
C LEU B 194 -12.73 -22.30 -25.08
N GLY B 195 -12.89 -23.43 -25.76
CA GLY B 195 -13.38 -23.33 -27.11
C GLY B 195 -14.88 -23.34 -27.28
N THR B 196 -15.64 -23.42 -26.18
CA THR B 196 -17.08 -23.50 -26.30
C THR B 196 -17.82 -22.45 -25.47
N GLN B 197 -17.32 -22.15 -24.27
CA GLN B 197 -17.98 -21.22 -23.38
C GLN B 197 -17.48 -19.80 -23.65
N THR B 198 -18.41 -18.87 -23.82
CA THR B 198 -18.09 -17.47 -23.94
C THR B 198 -17.89 -16.87 -22.55
N TYR B 199 -16.83 -16.08 -22.39
CA TYR B 199 -16.54 -15.36 -21.16
C TYR B 199 -16.51 -13.87 -21.44
N ILE B 200 -17.35 -13.12 -20.75
CA ILE B 200 -17.47 -11.68 -20.94
C ILE B 200 -17.38 -11.02 -19.59
N CYS B 201 -16.49 -10.06 -19.44
CA CYS B 201 -16.49 -9.28 -18.22
C CYS B 201 -17.31 -8.01 -18.43
N ASN B 202 -18.13 -7.70 -17.43
CA ASN B 202 -19.06 -6.57 -17.46
C ASN B 202 -18.53 -5.53 -16.49
N VAL B 203 -18.13 -4.39 -17.01
CA VAL B 203 -17.51 -3.34 -16.20
C VAL B 203 -18.48 -2.17 -16.13
N ASN B 204 -18.91 -1.81 -14.93
CA ASN B 204 -19.78 -0.68 -14.75
C ASN B 204 -19.05 0.44 -14.04
N HIS B 205 -19.05 1.63 -14.63
CA HIS B 205 -18.44 2.84 -14.05
C HIS B 205 -19.55 3.88 -13.92
N LYS B 206 -20.27 3.83 -12.80
CA LYS B 206 -21.38 4.75 -12.57
C LYS B 206 -21.00 6.23 -12.66
N PRO B 207 -19.85 6.70 -12.15
CA PRO B 207 -19.58 8.15 -12.22
C PRO B 207 -19.55 8.71 -13.64
N SER B 208 -19.21 7.90 -14.65
CA SER B 208 -19.22 8.32 -16.04
C SER B 208 -20.41 7.75 -16.79
N ASN B 209 -21.30 7.04 -16.10
CA ASN B 209 -22.44 6.32 -16.71
C ASN B 209 -22.00 5.47 -17.90
N THR B 210 -20.83 4.84 -17.76
CA THR B 210 -20.29 3.94 -18.77
C THR B 210 -20.40 2.51 -18.29
N LYS B 211 -20.80 1.63 -19.18
CA LYS B 211 -20.74 0.18 -18.97
C LYS B 211 -20.00 -0.42 -20.16
N VAL B 212 -18.99 -1.25 -19.90
CA VAL B 212 -18.21 -1.89 -20.97
C VAL B 212 -18.29 -3.40 -20.76
N ASP B 213 -18.71 -4.12 -21.80
CA ASP B 213 -18.66 -5.58 -21.82
C ASP B 213 -17.57 -6.02 -22.80
N LYS B 214 -16.57 -6.74 -22.29
CA LYS B 214 -15.44 -7.18 -23.10
C LYS B 214 -15.42 -8.72 -23.17
N LYS B 215 -15.42 -9.25 -24.39
CA LYS B 215 -15.29 -10.69 -24.56
C LYS B 215 -13.81 -11.08 -24.48
N VAL B 216 -13.52 -12.07 -23.64
CA VAL B 216 -12.15 -12.54 -23.41
C VAL B 216 -12.03 -13.92 -24.06
N GLU B 217 -11.17 -14.04 -25.05
CA GLU B 217 -11.06 -15.30 -25.75
C GLU B 217 -9.59 -15.70 -25.94
N PRO B 218 -9.33 -16.97 -26.26
CA PRO B 218 -7.95 -17.41 -26.47
C PRO B 218 -7.27 -16.63 -27.58
N LYS B 219 -5.94 -16.55 -27.49
CA LYS B 219 -5.15 -15.83 -28.48
C LYS B 219 -4.96 -16.68 -29.74
N SER B 220 -4.50 -16.04 -30.80
CA SER B 220 -4.12 -16.76 -32.02
C SER B 220 -2.68 -17.29 -31.93
N CYS B 221 -2.47 -18.16 -30.94
CA CYS B 221 -1.23 -18.91 -30.83
C CYS B 221 -1.61 -20.39 -30.65
#